data_2Z6R
#
_entry.id   2Z6R
#
_cell.length_a   104.501
_cell.length_b   104.501
_cell.length_c   137.523
_cell.angle_alpha   90.00
_cell.angle_beta   90.00
_cell.angle_gamma   90.00
#
_symmetry.space_group_name_H-M   'P 41 21 2'
#
loop_
_entity.id
_entity.type
_entity.pdbx_description
1 polymer 'diphthine synthase'
2 non-polymer 'SULFATE ION'
3 non-polymer S-ADENOSYL-L-HOMOCYSTEINE
4 non-polymer '2-(N-MORPHOLINO)-ETHANESULFONIC ACID'
5 non-polymer GLYCEROL
6 water water
#
_entity_poly.entity_id   1
_entity_poly.type   'polypeptide(L)'
_entity_poly.pdbx_seq_one_letter_code
;MVLYFIGLGLYDERDITVKGLEIAKKCDYVFAEFYTSLMAGTTLGRIQRLIGKEIRVLSREDVELNFENIVLPLAKENDV
AFLTPGDPLVATTHAELRIRAKRAGVESYVIHAPSIYSAVGITGLHIYKFGKSATVAYPEGNWFPTSYYDVIKENAERGL
HTLLFLDIKAEKRMYMTANEAMELLLKVEDMKKGGVFTDDTLVVVLARAGSLNPTIRAGYVKDLIREDFGDPPHILIVPG
KLHIVEAEYLVEIAGAPREILRVNV
;
_entity_poly.pdbx_strand_id   A,B
#
loop_
_chem_comp.id
_chem_comp.type
_chem_comp.name
_chem_comp.formula
GOL non-polymer GLYCEROL 'C3 H8 O3'
MES non-polymer '2-(N-MORPHOLINO)-ETHANESULFONIC ACID' 'C6 H13 N O4 S'
SAH non-polymer S-ADENOSYL-L-HOMOCYSTEINE 'C14 H20 N6 O5 S'
SO4 non-polymer 'SULFATE ION' 'O4 S -2'
#
# COMPACT_ATOMS: atom_id res chain seq x y z
N VAL A 2 -14.74 5.94 21.91
CA VAL A 2 -14.10 6.27 20.61
C VAL A 2 -14.40 5.20 19.56
N LEU A 3 -14.06 5.50 18.31
CA LEU A 3 -14.27 4.57 17.20
C LEU A 3 -12.94 4.19 16.56
N TYR A 4 -12.71 2.88 16.43
CA TYR A 4 -11.49 2.37 15.81
C TYR A 4 -11.78 1.75 14.46
N PHE A 5 -11.07 2.20 13.42
CA PHE A 5 -11.22 1.60 12.10
C PHE A 5 -10.03 0.64 12.06
N ILE A 6 -10.31 -0.65 12.00
CA ILE A 6 -9.26 -1.65 12.01
C ILE A 6 -9.26 -2.56 10.79
N GLY A 7 -8.14 -2.59 10.08
CA GLY A 7 -8.02 -3.43 8.91
C GLY A 7 -7.73 -4.87 9.32
N LEU A 8 -8.30 -5.82 8.59
CA LEU A 8 -8.11 -7.24 8.87
C LEU A 8 -7.09 -7.87 7.94
N GLY A 9 -6.67 -7.14 6.91
CA GLY A 9 -5.68 -7.71 6.03
C GLY A 9 -6.16 -8.37 4.75
N LEU A 10 -5.19 -8.94 4.05
CA LEU A 10 -5.37 -9.56 2.74
C LEU A 10 -6.11 -10.85 2.50
N TYR A 11 -5.88 -11.84 3.35
CA TYR A 11 -6.43 -13.17 3.08
C TYR A 11 -7.11 -13.89 4.24
N ASP A 12 -6.48 -13.94 5.41
CA ASP A 12 -7.09 -14.63 6.54
C ASP A 12 -7.06 -13.81 7.81
N GLU A 13 -7.66 -14.35 8.88
CA GLU A 13 -7.72 -13.62 10.14
C GLU A 13 -6.39 -13.25 10.76
N ARG A 14 -5.32 -13.96 10.41
CA ARG A 14 -4.02 -13.63 10.98
C ARG A 14 -3.33 -12.47 10.27
N ASP A 15 -3.97 -11.91 9.25
CA ASP A 15 -3.36 -10.79 8.54
C ASP A 15 -3.62 -9.47 9.28
N ILE A 16 -4.32 -9.54 10.40
CA ILE A 16 -4.58 -8.34 11.21
C ILE A 16 -3.27 -8.05 11.95
N THR A 17 -2.96 -6.78 12.22
CA THR A 17 -1.73 -6.48 12.94
C THR A 17 -1.95 -6.82 14.41
N VAL A 18 -0.85 -7.07 15.12
CA VAL A 18 -0.94 -7.39 16.54
C VAL A 18 -1.61 -6.22 17.26
N LYS A 19 -1.30 -5.00 16.81
CA LYS A 19 -1.89 -3.79 17.37
C LYS A 19 -3.40 -3.82 17.21
N GLY A 20 -3.86 -4.15 16.01
CA GLY A 20 -5.28 -4.20 15.74
C GLY A 20 -5.99 -5.27 16.55
N LEU A 21 -5.37 -6.44 16.67
CA LEU A 21 -5.98 -7.53 17.43
C LEU A 21 -6.18 -7.17 18.90
N GLU A 22 -5.14 -6.63 19.52
CA GLU A 22 -5.22 -6.28 20.93
C GLU A 22 -6.24 -5.18 21.22
N ILE A 23 -6.45 -4.29 20.26
CA ILE A 23 -7.43 -3.21 20.43
C ILE A 23 -8.83 -3.77 20.23
N ALA A 24 -9.02 -4.59 19.20
CA ALA A 24 -10.32 -5.17 18.91
C ALA A 24 -10.81 -6.02 20.08
N LYS A 25 -9.91 -6.80 20.66
CA LYS A 25 -10.25 -7.67 21.79
C LYS A 25 -10.86 -6.90 22.95
N LYS A 26 -10.47 -5.65 23.12
CA LYS A 26 -10.97 -4.84 24.23
C LYS A 26 -12.12 -3.90 23.92
N CYS A 27 -12.57 -3.88 22.67
CA CYS A 27 -13.69 -3.00 22.32
C CYS A 27 -15.00 -3.57 22.86
N ASP A 28 -15.92 -2.68 23.21
CA ASP A 28 -17.21 -3.09 23.75
C ASP A 28 -18.14 -3.63 22.67
N TYR A 29 -18.09 -2.99 21.50
CA TYR A 29 -18.91 -3.39 20.38
C TYR A 29 -18.03 -3.48 19.13
N VAL A 30 -18.27 -4.49 18.31
CA VAL A 30 -17.49 -4.67 17.09
C VAL A 30 -18.38 -4.82 15.87
N PHE A 31 -18.20 -3.92 14.91
CA PHE A 31 -18.94 -3.96 13.66
C PHE A 31 -17.94 -4.30 12.57
N ALA A 32 -18.44 -4.66 11.40
CA ALA A 32 -17.58 -4.98 10.28
C ALA A 32 -18.35 -4.98 8.99
N GLU A 33 -17.63 -4.85 7.87
CA GLU A 33 -18.23 -4.92 6.56
C GLU A 33 -17.34 -5.82 5.74
N PHE A 34 -17.96 -6.60 4.85
CA PHE A 34 -17.22 -7.50 3.99
C PHE A 34 -17.71 -7.38 2.57
N TYR A 35 -17.98 -6.15 2.15
CA TYR A 35 -18.44 -5.90 0.79
C TYR A 35 -17.39 -5.16 -0.04
N THR A 36 -16.37 -4.58 0.61
CA THR A 36 -15.34 -3.87 -0.14
C THR A 36 -14.26 -4.80 -0.70
N SER A 37 -14.15 -6.00 -0.13
CA SER A 37 -13.17 -6.97 -0.61
C SER A 37 -13.51 -8.36 -0.11
N LEU A 38 -12.77 -9.34 -0.59
CA LEU A 38 -12.97 -10.72 -0.19
C LEU A 38 -11.75 -11.29 0.50
N MET A 39 -11.95 -11.83 1.70
CA MET A 39 -10.88 -12.48 2.45
C MET A 39 -11.16 -13.96 2.19
N ALA A 40 -10.43 -14.51 1.21
CA ALA A 40 -10.62 -15.89 0.79
C ALA A 40 -10.13 -17.00 1.70
N GLY A 41 -9.31 -16.66 2.69
CA GLY A 41 -8.78 -17.71 3.55
C GLY A 41 -9.30 -17.81 4.96
N THR A 42 -10.44 -17.18 5.25
CA THR A 42 -10.98 -17.25 6.60
C THR A 42 -12.51 -17.25 6.58
N THR A 43 -13.11 -17.19 7.76
CA THR A 43 -14.57 -17.16 7.89
C THR A 43 -14.92 -16.17 8.99
N LEU A 44 -16.18 -15.75 9.06
CA LEU A 44 -16.59 -14.81 10.10
C LEU A 44 -16.32 -15.45 11.46
N GLY A 45 -16.62 -16.74 11.56
CA GLY A 45 -16.40 -17.45 12.80
C GLY A 45 -14.96 -17.42 13.28
N ARG A 46 -14.02 -17.66 12.36
CA ARG A 46 -12.61 -17.65 12.74
C ARG A 46 -12.17 -16.26 13.21
N ILE A 47 -12.72 -15.22 12.59
CA ILE A 47 -12.37 -13.86 12.98
C ILE A 47 -12.98 -13.59 14.37
N GLN A 48 -14.23 -13.98 14.56
CA GLN A 48 -14.89 -13.78 15.84
C GLN A 48 -14.17 -14.49 16.98
N ARG A 49 -13.71 -15.70 16.72
CA ARG A 49 -13.01 -16.45 17.75
C ARG A 49 -11.63 -15.86 18.06
N LEU A 50 -11.00 -15.28 17.05
CA LEU A 50 -9.68 -14.67 17.25
C LEU A 50 -9.75 -13.44 18.16
N ILE A 51 -10.75 -12.59 17.93
CA ILE A 51 -10.89 -11.38 18.74
C ILE A 51 -11.76 -11.60 19.98
N GLY A 52 -12.44 -12.73 20.02
CA GLY A 52 -13.29 -13.06 21.16
C GLY A 52 -14.48 -12.13 21.29
N LYS A 53 -15.07 -11.75 20.16
CA LYS A 53 -16.22 -10.86 20.16
C LYS A 53 -17.21 -11.23 19.08
N GLU A 54 -18.48 -10.94 19.31
CA GLU A 54 -19.51 -11.21 18.32
C GLU A 54 -19.36 -10.03 17.35
N ILE A 55 -19.41 -10.32 16.05
CA ILE A 55 -19.27 -9.26 15.06
C ILE A 55 -20.57 -8.97 14.34
N ARG A 56 -20.99 -7.70 14.37
CA ARG A 56 -22.20 -7.29 13.69
C ARG A 56 -21.82 -6.83 12.30
N VAL A 57 -22.16 -7.64 11.30
CA VAL A 57 -21.84 -7.34 9.92
C VAL A 57 -22.83 -6.36 9.31
N LEU A 58 -22.30 -5.32 8.68
CA LEU A 58 -23.13 -4.29 8.05
C LEU A 58 -23.10 -4.39 6.54
N SER A 59 -24.22 -4.06 5.90
CA SER A 59 -24.33 -4.06 4.45
C SER A 59 -23.84 -2.71 3.95
N ARG A 60 -23.67 -2.58 2.64
CA ARG A 60 -23.23 -1.31 2.09
C ARG A 60 -24.23 -0.21 2.41
N GLU A 61 -25.52 -0.53 2.34
CA GLU A 61 -26.53 0.47 2.63
C GLU A 61 -26.48 0.83 4.11
N ASP A 62 -26.25 -0.15 4.98
CA ASP A 62 -26.16 0.13 6.41
C ASP A 62 -25.09 1.18 6.65
N VAL A 63 -23.96 1.02 5.97
CA VAL A 63 -22.84 1.94 6.12
C VAL A 63 -23.03 3.30 5.44
N GLU A 64 -23.30 3.26 4.13
CA GLU A 64 -23.43 4.49 3.37
C GLU A 64 -24.67 5.32 3.65
N LEU A 65 -25.73 4.67 4.09
CA LEU A 65 -26.97 5.39 4.40
C LEU A 65 -27.19 5.59 5.89
N ASN A 66 -26.81 4.60 6.70
CA ASN A 66 -27.05 4.70 8.13
C ASN A 66 -25.90 4.52 9.12
N PHE A 67 -24.67 4.80 8.70
CA PHE A 67 -23.56 4.61 9.64
C PHE A 67 -23.78 5.39 10.94
N GLU A 68 -24.23 6.65 10.77
CA GLU A 68 -24.38 7.53 11.92
C GLU A 68 -25.53 7.13 12.83
N ASN A 69 -26.43 6.29 12.29
CA ASN A 69 -27.56 5.83 13.11
C ASN A 69 -27.29 4.46 13.74
N ILE A 70 -26.44 3.66 13.10
CA ILE A 70 -26.14 2.31 13.59
C ILE A 70 -24.88 2.20 14.43
N VAL A 71 -23.81 2.84 13.98
CA VAL A 71 -22.53 2.76 14.67
C VAL A 71 -22.19 3.90 15.63
N LEU A 72 -22.30 5.13 15.16
CA LEU A 72 -21.95 6.28 15.99
C LEU A 72 -22.66 6.42 17.35
N PRO A 73 -23.94 6.08 17.42
CA PRO A 73 -24.64 6.21 18.72
C PRO A 73 -23.94 5.41 19.83
N LEU A 74 -23.46 4.22 19.48
CA LEU A 74 -22.78 3.36 20.45
C LEU A 74 -21.37 3.86 20.71
N ALA A 75 -20.72 4.37 19.66
CA ALA A 75 -19.36 4.89 19.79
C ALA A 75 -19.31 6.09 20.71
N LYS A 76 -20.47 6.69 20.96
CA LYS A 76 -20.56 7.86 21.82
C LYS A 76 -20.46 7.49 23.30
N GLU A 77 -20.80 6.25 23.63
CA GLU A 77 -20.77 5.78 25.01
C GLU A 77 -19.90 4.56 25.27
N ASN A 78 -19.26 4.03 24.23
CA ASN A 78 -18.43 2.84 24.37
C ASN A 78 -17.27 2.87 23.37
N ASP A 79 -16.36 1.91 23.51
CA ASP A 79 -15.25 1.79 22.57
C ASP A 79 -15.77 0.85 21.50
N VAL A 80 -15.86 1.37 20.28
CA VAL A 80 -16.38 0.59 19.16
C VAL A 80 -15.36 0.37 18.06
N ALA A 81 -15.36 -0.82 17.48
CA ALA A 81 -14.45 -1.14 16.40
C ALA A 81 -15.25 -1.38 15.13
N PHE A 82 -14.67 -0.98 14.00
CA PHE A 82 -15.28 -1.18 12.69
C PHE A 82 -14.19 -1.85 11.88
N LEU A 83 -14.38 -3.13 11.61
CA LEU A 83 -13.41 -3.95 10.88
C LEU A 83 -13.69 -3.98 9.38
N THR A 84 -12.63 -4.06 8.59
CA THR A 84 -12.76 -4.14 7.13
C THR A 84 -11.67 -5.02 6.57
N PRO A 85 -11.88 -5.59 5.38
CA PRO A 85 -10.84 -6.43 4.79
C PRO A 85 -9.70 -5.47 4.39
N GLY A 86 -8.50 -6.00 4.20
CA GLY A 86 -7.35 -5.18 3.81
C GLY A 86 -7.14 -4.00 4.73
N ASP A 87 -6.82 -2.85 4.14
CA ASP A 87 -6.63 -1.61 4.91
C ASP A 87 -7.96 -0.89 4.77
N PRO A 88 -8.52 -0.38 5.89
CA PRO A 88 -9.80 0.31 5.86
C PRO A 88 -9.95 1.55 4.98
N LEU A 89 -8.85 2.22 4.69
CA LEU A 89 -8.91 3.45 3.90
C LEU A 89 -8.30 3.38 2.51
N VAL A 90 -8.15 2.17 1.99
CA VAL A 90 -7.58 1.98 0.65
C VAL A 90 -8.64 1.46 -0.31
N ALA A 91 -8.96 2.25 -1.33
CA ALA A 91 -9.95 1.84 -2.31
C ALA A 91 -11.32 1.59 -1.68
N THR A 92 -11.66 2.40 -0.69
CA THR A 92 -12.94 2.45 -0.05
C THR A 92 -13.29 3.91 0.13
N THR A 93 -14.51 4.16 0.56
CA THR A 93 -14.83 5.54 0.88
C THR A 93 -14.94 5.74 2.39
N HIS A 94 -14.32 4.80 3.14
CA HIS A 94 -14.50 4.81 4.59
C HIS A 94 -13.86 6.05 5.24
N ALA A 95 -12.97 6.76 4.56
CA ALA A 95 -12.41 7.97 5.15
C ALA A 95 -13.57 8.94 5.44
N GLU A 96 -14.63 8.85 4.65
CA GLU A 96 -15.81 9.70 4.84
C GLU A 96 -16.45 9.46 6.19
N LEU A 97 -16.33 8.23 6.69
CA LEU A 97 -16.90 7.88 7.98
C LEU A 97 -16.18 8.59 9.12
N ARG A 98 -14.90 8.92 8.92
CA ARG A 98 -14.16 9.63 9.95
C ARG A 98 -14.70 11.05 10.06
N ILE A 99 -15.08 11.62 8.92
CA ILE A 99 -15.62 12.97 8.90
C ILE A 99 -16.95 12.96 9.65
N ARG A 100 -17.77 11.96 9.36
CA ARG A 100 -19.07 11.84 10.02
C ARG A 100 -18.87 11.66 11.52
N ALA A 101 -17.88 10.87 11.90
CA ALA A 101 -17.60 10.63 13.31
C ALA A 101 -17.20 11.93 14.01
N LYS A 102 -16.30 12.68 13.40
CA LYS A 102 -15.85 13.93 14.00
C LYS A 102 -16.99 14.91 14.18
N ARG A 103 -17.82 15.05 13.16
CA ARG A 103 -18.96 15.97 13.22
C ARG A 103 -19.91 15.57 14.34
N ALA A 104 -19.88 14.27 14.67
CA ALA A 104 -20.74 13.76 15.73
C ALA A 104 -20.08 13.84 17.10
N GLY A 105 -18.84 14.37 17.10
CA GLY A 105 -18.13 14.53 18.38
C GLY A 105 -17.48 13.23 18.84
N VAL A 106 -17.32 12.28 17.93
CA VAL A 106 -16.72 10.99 18.27
C VAL A 106 -15.28 10.92 17.77
N GLU A 107 -14.36 10.62 18.67
CA GLU A 107 -12.95 10.50 18.32
C GLU A 107 -12.73 9.19 17.57
N SER A 108 -11.91 9.22 16.53
CA SER A 108 -11.65 7.99 15.79
C SER A 108 -10.16 7.76 15.59
N TYR A 109 -9.79 6.49 15.47
CA TYR A 109 -8.41 6.08 15.28
C TYR A 109 -8.36 5.05 14.17
N VAL A 110 -7.23 4.99 13.47
CA VAL A 110 -7.08 4.04 12.37
C VAL A 110 -5.92 3.09 12.59
N ILE A 111 -6.19 1.80 12.45
CA ILE A 111 -5.16 0.77 12.56
C ILE A 111 -5.08 0.12 11.19
N HIS A 112 -3.92 0.29 10.55
CA HIS A 112 -3.68 -0.23 9.22
C HIS A 112 -3.48 -1.75 9.21
N ALA A 113 -3.55 -2.33 8.02
CA ALA A 113 -3.35 -3.76 7.82
C ALA A 113 -2.81 -3.91 6.40
N PRO A 114 -2.19 -5.07 6.09
CA PRO A 114 -1.68 -5.21 4.72
C PRO A 114 -2.78 -4.99 3.68
N SER A 115 -2.42 -4.24 2.64
CA SER A 115 -3.32 -3.86 1.56
C SER A 115 -2.86 -4.38 0.21
N ILE A 116 -3.81 -4.69 -0.67
CA ILE A 116 -3.46 -5.18 -1.99
C ILE A 116 -2.70 -4.09 -2.77
N TYR A 117 -2.95 -2.84 -2.44
CA TYR A 117 -2.30 -1.71 -3.11
C TYR A 117 -0.77 -1.78 -2.97
N SER A 118 -0.30 -2.24 -1.82
CA SER A 118 1.15 -2.36 -1.61
C SER A 118 1.62 -3.79 -1.83
N ALA A 119 0.72 -4.76 -1.62
CA ALA A 119 1.09 -6.17 -1.78
C ALA A 119 1.51 -6.51 -3.21
N VAL A 120 1.14 -5.67 -4.16
CA VAL A 120 1.54 -5.92 -5.55
C VAL A 120 3.05 -5.88 -5.71
N GLY A 121 3.76 -5.47 -4.67
CA GLY A 121 5.21 -5.46 -4.76
C GLY A 121 5.72 -6.88 -4.95
N ILE A 122 4.91 -7.86 -4.57
CA ILE A 122 5.31 -9.26 -4.72
C ILE A 122 5.36 -9.68 -6.19
N THR A 123 4.88 -8.82 -7.08
CA THR A 123 4.92 -9.12 -8.52
C THR A 123 6.28 -8.78 -9.09
N GLY A 124 7.10 -8.07 -8.32
CA GLY A 124 8.43 -7.70 -8.80
C GLY A 124 8.43 -6.36 -9.52
N LEU A 125 7.26 -5.75 -9.68
CA LEU A 125 7.16 -4.46 -10.33
C LEU A 125 7.45 -3.40 -9.27
N HIS A 126 8.29 -2.42 -9.60
CA HIS A 126 8.63 -1.38 -8.65
C HIS A 126 7.39 -0.58 -8.23
N ILE A 127 7.17 -0.49 -6.93
CA ILE A 127 6.02 0.23 -6.42
C ILE A 127 5.98 1.69 -6.86
N TYR A 128 7.13 2.36 -6.90
CA TYR A 128 7.12 3.77 -7.28
C TYR A 128 6.70 4.00 -8.72
N LYS A 129 6.77 2.95 -9.55
CA LYS A 129 6.40 3.06 -10.95
C LYS A 129 4.91 2.91 -11.23
N PHE A 130 4.13 2.62 -10.19
CA PHE A 130 2.68 2.51 -10.40
C PHE A 130 2.10 3.91 -10.47
N GLY A 131 1.27 4.14 -11.47
CA GLY A 131 0.65 5.44 -11.63
C GLY A 131 -0.75 5.43 -11.05
N LYS A 132 -1.65 6.14 -11.71
CA LYS A 132 -3.05 6.23 -11.29
C LYS A 132 -3.63 4.82 -11.28
N SER A 133 -4.52 4.53 -10.35
CA SER A 133 -5.13 3.22 -10.28
C SER A 133 -6.56 3.31 -10.82
N ALA A 134 -7.14 2.16 -11.14
CA ALA A 134 -8.51 2.14 -11.65
C ALA A 134 -9.22 0.88 -11.20
N THR A 135 -10.52 0.87 -11.41
CA THR A 135 -11.33 -0.29 -11.06
C THR A 135 -12.09 -0.74 -12.30
N VAL A 136 -12.05 -2.04 -12.57
CA VAL A 136 -12.78 -2.59 -13.71
C VAL A 136 -14.12 -3.03 -13.15
N ALA A 137 -15.17 -2.28 -13.48
CA ALA A 137 -16.51 -2.60 -12.99
C ALA A 137 -17.32 -3.43 -13.98
N TYR A 138 -18.17 -4.29 -13.43
CA TYR A 138 -19.04 -5.14 -14.24
C TYR A 138 -20.08 -4.30 -14.96
N PRO A 139 -20.35 -4.59 -16.24
CA PRO A 139 -21.36 -3.80 -16.92
C PRO A 139 -22.69 -4.16 -16.25
N GLU A 140 -23.60 -3.21 -16.17
CA GLU A 140 -24.90 -3.44 -15.55
C GLU A 140 -25.99 -3.00 -16.53
N GLY A 141 -26.77 -3.95 -17.03
CA GLY A 141 -27.78 -3.60 -18.00
C GLY A 141 -27.09 -3.02 -19.22
N ASN A 142 -27.58 -1.89 -19.70
CA ASN A 142 -26.97 -1.26 -20.88
C ASN A 142 -25.85 -0.30 -20.50
N TRP A 143 -25.55 -0.21 -19.20
CA TRP A 143 -24.48 0.67 -18.71
C TRP A 143 -23.16 -0.09 -18.74
N PHE A 144 -22.23 0.37 -19.58
CA PHE A 144 -20.92 -0.27 -19.71
C PHE A 144 -19.79 0.69 -19.36
N PRO A 145 -19.21 0.55 -18.15
CA PRO A 145 -18.12 1.41 -17.69
C PRO A 145 -16.86 1.22 -18.54
N THR A 146 -16.15 2.31 -18.84
CA THR A 146 -14.95 2.21 -19.65
C THR A 146 -13.79 3.10 -19.18
N SER A 147 -14.03 3.92 -18.16
CA SER A 147 -13.01 4.84 -17.66
C SER A 147 -11.64 4.22 -17.36
N TYR A 148 -11.63 2.97 -16.89
CA TYR A 148 -10.39 2.31 -16.56
C TYR A 148 -9.44 2.16 -17.75
N TYR A 149 -10.00 2.09 -18.94
CA TYR A 149 -9.21 1.95 -20.16
C TYR A 149 -8.35 3.21 -20.36
N ASP A 150 -8.93 4.38 -20.09
CA ASP A 150 -8.22 5.64 -20.24
C ASP A 150 -7.10 5.78 -19.22
N VAL A 151 -7.29 5.18 -18.04
CA VAL A 151 -6.27 5.23 -17.01
C VAL A 151 -5.03 4.48 -17.48
N ILE A 152 -5.23 3.29 -18.05
CA ILE A 152 -4.12 2.50 -18.56
C ILE A 152 -3.40 3.30 -19.64
N LYS A 153 -4.17 3.89 -20.54
CA LYS A 153 -3.58 4.67 -21.62
C LYS A 153 -2.67 5.79 -21.10
N GLU A 154 -3.18 6.55 -20.14
CA GLU A 154 -2.43 7.66 -19.55
C GLU A 154 -1.14 7.19 -18.86
N ASN A 155 -1.25 6.13 -18.06
CA ASN A 155 -0.07 5.61 -17.37
C ASN A 155 0.97 5.05 -18.34
N ALA A 156 0.51 4.21 -19.27
CA ALA A 156 1.42 3.59 -20.23
C ALA A 156 2.21 4.61 -21.05
N GLU A 157 1.55 5.72 -21.41
CA GLU A 157 2.22 6.77 -22.18
C GLU A 157 3.38 7.35 -21.40
N ARG A 158 3.26 7.32 -20.08
CA ARG A 158 4.28 7.83 -19.15
C ARG A 158 5.22 6.71 -18.70
N GLY A 159 5.01 5.50 -19.22
CA GLY A 159 5.84 4.37 -18.85
C GLY A 159 5.55 3.82 -17.46
N LEU A 160 4.37 4.12 -16.93
CA LEU A 160 3.97 3.67 -15.60
C LEU A 160 3.07 2.44 -15.61
N HIS A 161 3.12 1.69 -14.51
CA HIS A 161 2.30 0.48 -14.36
C HIS A 161 0.90 0.88 -13.91
N THR A 162 -0.10 0.10 -14.30
CA THR A 162 -1.47 0.39 -13.90
C THR A 162 -2.06 -0.74 -13.06
N LEU A 163 -2.45 -0.41 -11.83
CA LEU A 163 -3.09 -1.38 -10.95
C LEU A 163 -4.59 -1.31 -11.21
N LEU A 164 -5.18 -2.47 -11.50
CA LEU A 164 -6.61 -2.54 -11.76
C LEU A 164 -7.34 -3.35 -10.71
N PHE A 165 -8.02 -2.65 -9.81
CA PHE A 165 -8.82 -3.30 -8.78
C PHE A 165 -9.96 -3.93 -9.57
N LEU A 166 -10.40 -5.12 -9.19
CA LEU A 166 -11.48 -5.77 -9.91
C LEU A 166 -12.77 -5.71 -9.10
N ASP A 167 -13.90 -5.71 -9.81
CA ASP A 167 -15.20 -5.58 -9.17
C ASP A 167 -15.58 -6.73 -8.23
N ILE A 168 -16.49 -6.41 -7.32
CA ILE A 168 -16.98 -7.38 -6.35
C ILE A 168 -18.42 -7.03 -6.01
N LYS A 169 -19.27 -8.03 -6.02
CA LYS A 169 -20.68 -7.88 -5.68
C LYS A 169 -20.87 -8.90 -4.56
N ALA A 170 -20.46 -8.51 -3.36
CA ALA A 170 -20.53 -9.37 -2.18
C ALA A 170 -21.87 -10.03 -1.90
N GLU A 171 -22.95 -9.25 -1.98
CA GLU A 171 -24.28 -9.79 -1.69
C GLU A 171 -24.64 -10.93 -2.64
N LYS A 172 -24.12 -10.85 -3.88
CA LYS A 172 -24.40 -11.89 -4.86
C LYS A 172 -23.24 -12.89 -4.99
N ARG A 173 -22.24 -12.70 -4.10
CA ARG A 173 -21.04 -13.54 -4.11
C ARG A 173 -20.39 -13.63 -5.50
N MET A 174 -20.28 -12.47 -6.14
CA MET A 174 -19.65 -12.37 -7.46
C MET A 174 -18.31 -11.65 -7.29
N TYR A 175 -17.25 -12.30 -7.75
CA TYR A 175 -15.91 -11.72 -7.65
C TYR A 175 -15.28 -11.79 -9.04
N MET A 176 -15.02 -10.62 -9.62
CA MET A 176 -14.44 -10.56 -10.95
C MET A 176 -13.06 -11.17 -11.07
N THR A 177 -12.90 -12.09 -12.02
CA THR A 177 -11.62 -12.73 -12.25
C THR A 177 -10.77 -11.89 -13.19
N ALA A 178 -9.46 -12.14 -13.19
CA ALA A 178 -8.57 -11.41 -14.08
C ALA A 178 -8.95 -11.73 -15.51
N ASN A 179 -9.49 -12.92 -15.74
CA ASN A 179 -9.91 -13.35 -17.07
C ASN A 179 -11.04 -12.46 -17.57
N GLU A 180 -12.05 -12.26 -16.72
CA GLU A 180 -13.19 -11.43 -17.09
C GLU A 180 -12.73 -10.00 -17.34
N ALA A 181 -11.78 -9.52 -16.53
CA ALA A 181 -11.27 -8.17 -16.71
C ALA A 181 -10.59 -8.04 -18.07
N MET A 182 -9.81 -9.05 -18.45
CA MET A 182 -9.12 -9.03 -19.74
C MET A 182 -10.14 -9.04 -20.87
N GLU A 183 -11.19 -9.86 -20.73
CA GLU A 183 -12.23 -9.93 -21.75
C GLU A 183 -12.90 -8.57 -21.93
N LEU A 184 -13.21 -7.92 -20.81
CA LEU A 184 -13.85 -6.61 -20.86
C LEU A 184 -12.95 -5.59 -21.53
N LEU A 185 -11.68 -5.59 -21.17
CA LEU A 185 -10.72 -4.65 -21.74
C LEU A 185 -10.57 -4.81 -23.25
N LEU A 186 -10.62 -6.06 -23.72
CA LEU A 186 -10.51 -6.32 -25.15
C LEU A 186 -11.75 -5.77 -25.87
N LYS A 187 -12.89 -5.80 -25.19
CA LYS A 187 -14.11 -5.28 -25.78
C LYS A 187 -14.08 -3.75 -25.84
N VAL A 188 -13.47 -3.12 -24.83
CA VAL A 188 -13.37 -1.67 -24.81
C VAL A 188 -12.40 -1.24 -25.91
N GLU A 189 -11.34 -2.03 -26.10
CA GLU A 189 -10.35 -1.73 -27.12
C GLU A 189 -11.02 -1.72 -28.50
N ASP A 190 -11.99 -2.60 -28.70
CA ASP A 190 -12.69 -2.66 -29.98
C ASP A 190 -13.59 -1.46 -30.21
N MET A 191 -14.04 -0.84 -29.13
CA MET A 191 -14.91 0.32 -29.23
C MET A 191 -14.13 1.63 -29.35
N LYS A 192 -12.99 1.71 -28.67
CA LYS A 192 -12.18 2.91 -28.70
C LYS A 192 -11.01 2.85 -29.68
N LYS A 193 -10.50 1.64 -29.89
CA LYS A 193 -9.39 1.41 -30.82
C LYS A 193 -8.21 2.34 -30.58
N GLY A 194 -7.78 2.44 -29.33
CA GLY A 194 -6.65 3.29 -29.00
C GLY A 194 -5.34 2.52 -28.95
N GLY A 195 -5.41 1.22 -29.23
CA GLY A 195 -4.23 0.39 -29.21
C GLY A 195 -3.63 0.33 -27.81
N VAL A 196 -4.51 0.31 -26.81
CA VAL A 196 -4.11 0.29 -25.41
C VAL A 196 -4.04 -1.11 -24.81
N PHE A 197 -4.98 -1.96 -25.20
CA PHE A 197 -5.03 -3.32 -24.66
C PHE A 197 -5.37 -4.31 -25.76
N THR A 198 -4.42 -5.17 -26.12
CA THR A 198 -4.63 -6.17 -27.15
C THR A 198 -4.11 -7.55 -26.75
N ASP A 199 -4.26 -8.50 -27.71
CA ASP A 199 -3.77 -9.85 -27.51
C ASP A 199 -2.29 -9.88 -27.14
N ASP A 200 -1.54 -8.86 -27.62
CA ASP A 200 -0.08 -8.86 -27.44
C ASP A 200 0.35 -8.05 -26.21
N THR A 201 -0.60 -7.51 -25.46
CA THR A 201 -0.28 -6.73 -24.28
C THR A 201 0.22 -7.61 -23.14
N LEU A 202 1.30 -7.17 -22.49
CA LEU A 202 1.86 -7.91 -21.37
C LEU A 202 1.05 -7.53 -20.12
N VAL A 203 0.61 -8.54 -19.38
CA VAL A 203 -0.15 -8.28 -18.16
C VAL A 203 0.38 -9.14 -17.02
N VAL A 204 0.02 -8.75 -15.81
CA VAL A 204 0.42 -9.47 -14.62
C VAL A 204 -0.82 -9.71 -13.77
N VAL A 205 -0.94 -10.93 -13.26
CA VAL A 205 -2.07 -11.30 -12.43
C VAL A 205 -1.59 -11.74 -11.05
N LEU A 206 -2.25 -11.21 -10.03
CA LEU A 206 -1.95 -11.57 -8.65
C LEU A 206 -3.26 -12.03 -8.03
N ALA A 207 -3.30 -13.29 -7.60
CA ALA A 207 -4.50 -13.86 -7.01
C ALA A 207 -4.25 -14.35 -5.59
N ARG A 208 -5.15 -13.97 -4.68
CA ARG A 208 -5.06 -14.37 -3.29
C ARG A 208 -3.78 -13.94 -2.58
N ALA A 209 -3.43 -12.67 -2.74
CA ALA A 209 -2.26 -12.13 -2.07
C ALA A 209 -2.54 -12.31 -0.58
N GLY A 210 -1.49 -12.52 0.21
CA GLY A 210 -1.69 -12.72 1.63
C GLY A 210 -1.62 -14.19 1.97
N SER A 211 -2.01 -15.04 1.03
CA SER A 211 -1.93 -16.48 1.27
C SER A 211 -0.46 -16.83 1.15
N LEU A 212 -0.07 -18.03 1.56
CA LEU A 212 1.33 -18.43 1.47
C LEU A 212 1.71 -18.70 0.02
N ASN A 213 0.76 -19.17 -0.77
CA ASN A 213 1.02 -19.50 -2.17
C ASN A 213 0.10 -18.76 -3.15
N PRO A 214 0.23 -17.44 -3.24
CA PRO A 214 -0.63 -16.70 -4.16
C PRO A 214 -0.23 -17.04 -5.61
N THR A 215 -1.15 -16.83 -6.54
CA THR A 215 -0.84 -17.08 -7.93
C THR A 215 -0.26 -15.78 -8.47
N ILE A 216 0.96 -15.85 -8.99
CA ILE A 216 1.63 -14.69 -9.57
C ILE A 216 2.01 -15.10 -10.98
N ARG A 217 1.33 -14.51 -11.96
CA ARG A 217 1.58 -14.86 -13.35
C ARG A 217 1.72 -13.64 -14.26
N ALA A 218 2.62 -13.74 -15.21
CA ALA A 218 2.85 -12.66 -16.17
C ALA A 218 2.97 -13.26 -17.56
N GLY A 219 2.42 -12.55 -18.55
CA GLY A 219 2.46 -13.03 -19.91
C GLY A 219 1.54 -12.21 -20.79
N TYR A 220 1.45 -12.60 -22.06
CA TYR A 220 0.59 -11.87 -23.00
C TYR A 220 -0.86 -12.27 -22.84
N VAL A 221 -1.75 -11.30 -23.04
CA VAL A 221 -3.19 -11.52 -22.93
C VAL A 221 -3.67 -12.74 -23.69
N LYS A 222 -3.17 -12.91 -24.92
CA LYS A 222 -3.58 -14.05 -25.74
C LYS A 222 -3.33 -15.39 -25.06
N ASP A 223 -2.29 -15.45 -24.23
CA ASP A 223 -1.94 -16.69 -23.53
C ASP A 223 -2.55 -16.84 -22.14
N LEU A 224 -2.77 -15.71 -21.46
CA LEU A 224 -3.32 -15.73 -20.11
C LEU A 224 -4.83 -15.59 -19.98
N ILE A 225 -5.48 -15.07 -21.01
CA ILE A 225 -6.92 -14.83 -20.95
C ILE A 225 -7.79 -16.03 -20.57
N ARG A 226 -7.36 -17.24 -20.90
CA ARG A 226 -8.14 -18.42 -20.55
C ARG A 226 -7.44 -19.29 -19.51
N GLU A 227 -6.42 -18.74 -18.86
CA GLU A 227 -5.68 -19.47 -17.84
C GLU A 227 -6.40 -19.45 -16.49
N ASP A 228 -6.29 -20.55 -15.76
CA ASP A 228 -6.92 -20.64 -14.44
C ASP A 228 -5.97 -20.09 -13.39
N PHE A 229 -6.35 -18.98 -12.78
CA PHE A 229 -5.52 -18.34 -11.76
C PHE A 229 -5.97 -18.71 -10.35
N GLY A 230 -6.90 -19.65 -10.25
CA GLY A 230 -7.38 -20.06 -8.94
C GLY A 230 -8.53 -19.22 -8.43
N ASP A 231 -8.95 -19.49 -7.20
CA ASP A 231 -10.06 -18.76 -6.59
C ASP A 231 -9.79 -17.28 -6.42
N PRO A 232 -10.85 -16.48 -6.33
CA PRO A 232 -10.72 -15.03 -6.15
C PRO A 232 -10.26 -14.78 -4.72
N PRO A 233 -9.88 -13.54 -4.39
CA PRO A 233 -9.84 -12.36 -5.27
C PRO A 233 -8.62 -12.28 -6.18
N HIS A 234 -8.79 -11.55 -7.28
CA HIS A 234 -7.73 -11.33 -8.26
C HIS A 234 -7.58 -9.84 -8.49
N ILE A 235 -6.38 -9.47 -8.94
CA ILE A 235 -6.13 -8.09 -9.34
C ILE A 235 -5.36 -8.22 -10.64
N LEU A 236 -5.56 -7.28 -11.54
CA LEU A 236 -4.88 -7.29 -12.83
C LEU A 236 -3.99 -6.06 -12.91
N ILE A 237 -2.81 -6.23 -13.49
CA ILE A 237 -1.86 -5.13 -13.65
C ILE A 237 -1.39 -5.08 -15.10
N VAL A 238 -1.34 -3.87 -15.65
CA VAL A 238 -0.85 -3.67 -17.00
C VAL A 238 0.45 -2.89 -16.80
N PRO A 239 1.60 -3.57 -16.88
CA PRO A 239 2.88 -2.88 -16.69
C PRO A 239 3.17 -1.85 -17.77
N GLY A 240 3.99 -0.86 -17.41
CA GLY A 240 4.40 0.16 -18.35
C GLY A 240 5.74 -0.31 -18.90
N LYS A 241 6.70 0.62 -18.99
CA LYS A 241 8.03 0.27 -19.48
C LYS A 241 8.78 -0.44 -18.36
N LEU A 242 9.23 -1.66 -18.62
CA LEU A 242 9.94 -2.44 -17.60
C LEU A 242 11.42 -2.16 -17.46
N HIS A 243 11.91 -2.27 -16.24
CA HIS A 243 13.33 -2.15 -15.98
C HIS A 243 13.75 -3.61 -16.12
N ILE A 244 15.01 -3.84 -16.49
CA ILE A 244 15.49 -5.22 -16.65
C ILE A 244 15.26 -6.04 -15.38
N VAL A 245 15.50 -5.45 -14.22
CA VAL A 245 15.31 -6.18 -12.98
C VAL A 245 13.86 -6.62 -12.77
N GLU A 246 12.91 -5.80 -13.21
CA GLU A 246 11.49 -6.16 -13.08
C GLU A 246 11.21 -7.34 -13.99
N ALA A 247 11.72 -7.28 -15.22
CA ALA A 247 11.53 -8.35 -16.19
C ALA A 247 12.14 -9.65 -15.66
N GLU A 248 13.32 -9.56 -15.06
CA GLU A 248 13.98 -10.74 -14.52
C GLU A 248 13.13 -11.43 -13.47
N TYR A 249 12.50 -10.65 -12.59
CA TYR A 249 11.66 -11.24 -11.56
C TYR A 249 10.41 -11.87 -12.19
N LEU A 250 9.81 -11.18 -13.14
CA LEU A 250 8.62 -11.72 -13.80
C LEU A 250 8.91 -13.05 -14.48
N VAL A 251 10.09 -13.16 -15.08
CA VAL A 251 10.49 -14.39 -15.75
C VAL A 251 10.83 -15.50 -14.76
N GLU A 252 11.64 -15.19 -13.76
CA GLU A 252 12.06 -16.16 -12.76
C GLU A 252 11.00 -16.60 -11.76
N ILE A 253 10.15 -15.65 -11.35
CA ILE A 253 9.12 -15.94 -10.35
C ILE A 253 7.68 -16.04 -10.86
N ALA A 254 7.34 -15.24 -11.87
CA ALA A 254 5.98 -15.23 -12.39
C ALA A 254 5.78 -16.02 -13.70
N GLY A 255 6.81 -16.74 -14.12
CA GLY A 255 6.73 -17.54 -15.33
C GLY A 255 6.52 -16.79 -16.63
N ALA A 256 6.97 -15.54 -16.69
CA ALA A 256 6.82 -14.73 -17.88
C ALA A 256 7.70 -15.24 -19.02
N PRO A 257 7.31 -14.98 -20.28
CA PRO A 257 8.10 -15.41 -21.43
C PRO A 257 9.49 -14.75 -21.35
N ARG A 258 10.54 -15.56 -21.45
CA ARG A 258 11.89 -15.01 -21.35
C ARG A 258 12.19 -13.93 -22.38
N GLU A 259 11.33 -13.78 -23.37
CA GLU A 259 11.54 -12.78 -24.41
C GLU A 259 11.41 -11.36 -23.86
N ILE A 260 10.71 -11.20 -22.74
CA ILE A 260 10.54 -9.86 -22.17
C ILE A 260 11.84 -9.37 -21.55
N LEU A 261 12.84 -10.26 -21.46
CA LEU A 261 14.12 -9.88 -20.89
C LEU A 261 14.82 -8.93 -21.85
N ARG A 262 14.66 -9.16 -23.15
CA ARG A 262 15.26 -8.30 -24.15
C ARG A 262 14.42 -7.03 -24.29
N VAL A 263 14.57 -6.14 -23.30
CA VAL A 263 13.83 -4.88 -23.30
C VAL A 263 14.31 -3.98 -24.43
N ASN A 264 13.40 -3.63 -25.34
CA ASN A 264 13.73 -2.78 -26.47
C ASN A 264 14.08 -1.36 -26.01
N VAL A 265 15.32 -0.96 -26.25
CA VAL A 265 15.78 0.37 -25.86
C VAL A 265 15.93 1.28 -27.09
N MET B 1 14.61 -25.45 4.84
CA MET B 1 14.30 -25.36 3.39
C MET B 1 13.37 -24.19 3.06
N VAL B 2 13.01 -23.41 4.07
CA VAL B 2 12.10 -22.29 3.85
C VAL B 2 12.57 -20.96 4.41
N LEU B 3 12.43 -19.91 3.59
CA LEU B 3 12.78 -18.55 3.98
C LEU B 3 11.51 -17.70 3.94
N TYR B 4 11.22 -17.02 5.04
CA TYR B 4 10.05 -16.17 5.12
C TYR B 4 10.46 -14.70 5.15
N PHE B 5 9.93 -13.92 4.22
CA PHE B 5 10.17 -12.48 4.20
C PHE B 5 9.00 -11.96 5.02
N ILE B 6 9.27 -11.37 6.17
CA ILE B 6 8.20 -10.91 7.06
C ILE B 6 8.22 -9.40 7.30
N GLY B 7 7.11 -8.74 6.97
CA GLY B 7 7.03 -7.30 7.19
C GLY B 7 6.79 -6.93 8.63
N LEU B 8 7.48 -5.89 9.09
CA LEU B 8 7.32 -5.41 10.47
C LEU B 8 6.29 -4.29 10.57
N GLY B 9 5.84 -3.80 9.42
CA GLY B 9 4.86 -2.76 9.48
C GLY B 9 5.39 -1.34 9.58
N LEU B 10 4.51 -0.47 10.02
CA LEU B 10 4.78 0.96 10.07
C LEU B 10 5.63 1.67 11.11
N TYR B 11 5.38 1.39 12.38
CA TYR B 11 6.03 2.18 13.42
C TYR B 11 6.64 1.49 14.63
N ASP B 12 5.86 0.67 15.31
CA ASP B 12 6.38 0.00 16.51
C ASP B 12 6.33 -1.52 16.40
N GLU B 13 6.73 -2.20 17.48
CA GLU B 13 6.78 -3.66 17.46
C GLU B 13 5.43 -4.37 17.34
N ARG B 14 4.33 -3.64 17.51
CA ARG B 14 3.02 -4.28 17.41
C ARG B 14 2.44 -4.12 16.00
N ASP B 15 3.24 -3.55 15.10
CA ASP B 15 2.77 -3.34 13.73
C ASP B 15 2.98 -4.51 12.79
N ILE B 16 3.58 -5.57 13.32
CA ILE B 16 3.79 -6.82 12.58
C ILE B 16 2.41 -7.49 12.60
N THR B 17 2.13 -8.38 11.66
CA THR B 17 0.83 -9.06 11.68
C THR B 17 0.90 -10.27 12.60
N VAL B 18 -0.26 -10.77 13.00
CA VAL B 18 -0.33 -11.94 13.87
C VAL B 18 0.38 -13.09 13.14
N LYS B 19 0.15 -13.18 11.84
CA LYS B 19 0.74 -14.21 10.99
C LYS B 19 2.27 -14.10 11.04
N GLY B 20 2.78 -12.89 10.84
CA GLY B 20 4.22 -12.68 10.87
C GLY B 20 4.85 -13.02 12.20
N LEU B 21 4.22 -12.61 13.29
CA LEU B 21 4.75 -12.88 14.61
C LEU B 21 4.76 -14.37 14.92
N GLU B 22 3.66 -15.05 14.62
CA GLU B 22 3.57 -16.48 14.90
C GLU B 22 4.56 -17.28 14.07
N ILE B 23 4.76 -16.90 12.81
CA ILE B 23 5.71 -17.60 11.96
C ILE B 23 7.13 -17.35 12.46
N ALA B 24 7.45 -16.10 12.79
CA ALA B 24 8.79 -15.79 13.29
C ALA B 24 9.11 -16.61 14.55
N LYS B 25 8.12 -16.77 15.42
CA LYS B 25 8.30 -17.53 16.66
C LYS B 25 8.61 -19.00 16.41
N LYS B 26 8.24 -19.51 15.24
CA LYS B 26 8.49 -20.91 14.92
C LYS B 26 9.71 -21.12 14.05
N CYS B 27 10.38 -20.04 13.66
CA CYS B 27 11.57 -20.16 12.83
C CYS B 27 12.80 -20.47 13.67
N ASP B 28 13.75 -21.19 13.09
CA ASP B 28 14.97 -21.57 13.78
C ASP B 28 15.96 -20.42 13.88
N TYR B 29 15.94 -19.55 12.88
CA TYR B 29 16.83 -18.40 12.83
C TYR B 29 16.04 -17.19 12.38
N VAL B 30 16.30 -16.04 13.01
CA VAL B 30 15.62 -14.82 12.66
C VAL B 30 16.62 -13.72 12.33
N PHE B 31 16.52 -13.19 11.12
CA PHE B 31 17.38 -12.11 10.66
C PHE B 31 16.49 -10.90 10.42
N ALA B 32 17.11 -9.73 10.36
CA ALA B 32 16.37 -8.51 10.09
C ALA B 32 17.28 -7.50 9.42
N GLU B 33 16.69 -6.61 8.64
CA GLU B 33 17.46 -5.54 8.01
C GLU B 33 16.78 -4.24 8.39
N PHE B 34 17.59 -3.24 8.68
CA PHE B 34 17.08 -1.92 9.04
C PHE B 34 17.84 -0.86 8.28
N TYR B 35 17.95 -1.05 6.96
CA TYR B 35 18.63 -0.08 6.10
C TYR B 35 17.69 0.48 5.02
N THR B 36 16.67 -0.31 4.63
CA THR B 36 15.69 0.23 3.68
C THR B 36 14.81 1.29 4.35
N SER B 37 14.68 1.11 5.67
CA SER B 37 13.94 2.04 6.50
C SER B 37 14.18 1.67 7.96
N LEU B 38 13.52 2.36 8.87
CA LEU B 38 13.66 2.08 10.30
C LEU B 38 12.27 1.96 10.91
N MET B 39 12.20 1.45 12.13
CA MET B 39 10.94 1.32 12.87
C MET B 39 11.13 2.34 14.01
N ALA B 40 10.80 3.60 13.71
CA ALA B 40 10.97 4.71 14.63
C ALA B 40 10.31 4.63 16.00
N GLY B 41 9.18 3.93 16.09
CA GLY B 41 8.48 3.83 17.35
C GLY B 41 8.86 2.67 18.25
N THR B 42 9.96 1.99 17.93
CA THR B 42 10.37 0.86 18.75
C THR B 42 11.89 0.71 18.70
N THR B 43 12.39 -0.40 19.21
CA THR B 43 13.83 -0.68 19.22
C THR B 43 14.05 -2.13 18.85
N LEU B 44 15.29 -2.48 18.53
CA LEU B 44 15.62 -3.87 18.20
C LEU B 44 15.28 -4.75 19.39
N GLY B 45 15.59 -4.25 20.59
CA GLY B 45 15.32 -5.01 21.80
C GLY B 45 13.85 -5.35 21.99
N ARG B 46 12.97 -4.41 21.69
CA ARG B 46 11.53 -4.63 21.85
C ARG B 46 10.99 -5.62 20.84
N ILE B 47 11.48 -5.54 19.60
CA ILE B 47 11.04 -6.47 18.57
C ILE B 47 11.53 -7.87 18.96
N GLN B 48 12.78 -7.96 19.40
CA GLN B 48 13.36 -9.22 19.81
C GLN B 48 12.60 -9.83 20.99
N ARG B 49 12.22 -9.00 21.96
CA ARG B 49 11.50 -9.49 23.13
C ARG B 49 10.10 -10.00 22.77
N LEU B 50 9.47 -9.34 21.80
CA LEU B 50 8.14 -9.73 21.36
C LEU B 50 8.18 -11.09 20.68
N ILE B 51 9.20 -11.31 19.87
CA ILE B 51 9.35 -12.58 19.16
C ILE B 51 9.84 -13.65 20.14
N GLY B 52 10.79 -13.30 20.98
CA GLY B 52 11.28 -14.27 21.96
C GLY B 52 12.57 -14.97 21.60
N LYS B 53 13.15 -14.63 20.46
CA LYS B 53 14.41 -15.23 20.06
C LYS B 53 15.35 -14.18 19.48
N GLU B 54 16.64 -14.49 19.53
CA GLU B 54 17.67 -13.57 19.04
C GLU B 54 17.49 -13.18 17.58
N ILE B 55 17.64 -11.89 17.32
CA ILE B 55 17.52 -11.37 15.96
C ILE B 55 18.89 -10.92 15.48
N ARG B 56 19.35 -11.49 14.37
CA ARG B 56 20.63 -11.08 13.82
C ARG B 56 20.39 -10.00 12.78
N VAL B 57 20.89 -8.80 13.04
CA VAL B 57 20.72 -7.69 12.12
C VAL B 57 21.74 -7.76 10.99
N LEU B 58 21.26 -7.53 9.77
CA LEU B 58 22.11 -7.55 8.60
C LEU B 58 22.27 -6.15 8.04
N SER B 59 23.50 -5.81 7.65
CA SER B 59 23.79 -4.50 7.08
C SER B 59 23.41 -4.54 5.61
N ARG B 60 23.44 -3.37 4.95
CA ARG B 60 23.10 -3.31 3.54
C ARG B 60 24.06 -4.21 2.77
N GLU B 61 25.34 -4.17 3.12
CA GLU B 61 26.35 -5.00 2.46
C GLU B 61 26.07 -6.48 2.70
N ASP B 62 25.72 -6.84 3.93
CA ASP B 62 25.44 -8.23 4.26
C ASP B 62 24.37 -8.80 3.33
N VAL B 63 23.31 -8.01 3.10
CA VAL B 63 22.22 -8.45 2.24
C VAL B 63 22.52 -8.34 0.75
N GLU B 64 22.81 -7.12 0.30
CA GLU B 64 23.07 -6.90 -1.12
C GLU B 64 24.23 -7.68 -1.71
N LEU B 65 25.27 -7.92 -0.91
CA LEU B 65 26.43 -8.65 -1.42
C LEU B 65 26.53 -10.09 -0.93
N ASN B 66 26.11 -10.36 0.30
CA ASN B 66 26.25 -11.70 0.85
C ASN B 66 25.02 -12.44 1.35
N PHE B 67 23.84 -12.05 0.88
CA PHE B 67 22.61 -12.71 1.32
C PHE B 67 22.72 -14.23 1.15
N GLU B 68 23.27 -14.66 0.02
CA GLU B 68 23.40 -16.08 -0.28
C GLU B 68 24.42 -16.84 0.58
N ASN B 69 25.28 -16.11 1.27
CA ASN B 69 26.29 -16.76 2.12
C ASN B 69 25.95 -16.66 3.59
N ILE B 70 25.08 -15.71 3.94
CA ILE B 70 24.72 -15.53 5.34
C ILE B 70 23.35 -16.10 5.70
N VAL B 71 22.35 -15.81 4.86
CA VAL B 71 20.99 -16.27 5.12
C VAL B 71 20.58 -17.58 4.45
N LEU B 72 20.79 -17.69 3.15
CA LEU B 72 20.38 -18.88 2.42
C LEU B 72 20.94 -20.23 2.88
N PRO B 73 22.22 -20.29 3.28
CA PRO B 73 22.74 -21.60 3.71
C PRO B 73 21.92 -22.19 4.85
N LEU B 74 21.52 -21.33 5.80
CA LEU B 74 20.74 -21.77 6.96
C LEU B 74 19.31 -22.12 6.54
N ALA B 75 18.79 -21.35 5.56
CA ALA B 75 17.42 -21.60 5.10
C ALA B 75 17.31 -22.96 4.41
N LYS B 76 18.49 -23.48 4.00
CA LYS B 76 18.52 -24.78 3.31
C LYS B 76 18.09 -25.94 4.22
N GLU B 77 18.47 -25.87 5.50
CA GLU B 77 18.15 -26.95 6.44
C GLU B 77 17.28 -26.50 7.62
N ASN B 78 16.77 -25.28 7.56
CA ASN B 78 15.95 -24.76 8.66
C ASN B 78 14.90 -23.80 8.14
N ASP B 79 14.03 -23.36 9.04
CA ASP B 79 13.02 -22.36 8.70
C ASP B 79 13.67 -21.06 9.14
N VAL B 80 13.79 -20.12 8.21
CA VAL B 80 14.43 -18.85 8.50
C VAL B 80 13.52 -17.65 8.22
N ALA B 81 13.55 -16.69 9.11
CA ALA B 81 12.76 -15.47 8.96
C ALA B 81 13.68 -14.31 8.64
N PHE B 82 13.23 -13.44 7.74
CA PHE B 82 13.98 -12.25 7.35
C PHE B 82 13.00 -11.11 7.52
N LEU B 83 13.17 -10.34 8.60
CA LEU B 83 12.29 -9.23 8.92
C LEU B 83 12.71 -7.94 8.23
N THR B 84 11.72 -7.19 7.77
CA THR B 84 12.00 -5.91 7.11
C THR B 84 10.95 -4.89 7.51
N PRO B 85 11.33 -3.61 7.57
CA PRO B 85 10.34 -2.59 7.95
C PRO B 85 9.25 -2.55 6.87
N GLY B 86 8.05 -2.17 7.27
CA GLY B 86 6.96 -2.06 6.30
C GLY B 86 6.47 -3.36 5.70
N ASP B 87 6.21 -3.32 4.39
CA ASP B 87 5.71 -4.47 3.63
C ASP B 87 6.86 -5.01 2.79
N PRO B 88 7.17 -6.31 2.90
CA PRO B 88 8.28 -6.82 2.09
C PRO B 88 8.07 -6.61 0.60
N LEU B 89 9.15 -6.27 -0.08
CA LEU B 89 9.22 -6.06 -1.54
C LEU B 89 8.62 -4.73 -2.02
N VAL B 90 8.20 -3.85 -1.06
CA VAL B 90 7.88 -2.50 -1.50
C VAL B 90 9.17 -1.77 -1.79
N ALA B 91 10.13 -2.01 -0.88
CA ALA B 91 11.47 -1.57 -1.17
C ALA B 91 11.91 -2.27 -2.44
N THR B 92 12.33 -1.51 -3.45
CA THR B 92 12.68 -2.08 -4.75
C THR B 92 13.71 -3.21 -4.80
N THR B 93 14.70 -3.18 -3.90
CA THR B 93 15.74 -4.20 -3.92
C THR B 93 15.38 -5.55 -3.30
N HIS B 94 14.29 -5.60 -2.54
CA HIS B 94 13.86 -6.84 -1.89
C HIS B 94 13.56 -7.98 -2.85
N ALA B 95 12.80 -7.68 -3.89
CA ALA B 95 12.38 -8.69 -4.87
C ALA B 95 13.47 -9.62 -5.39
N GLU B 96 14.60 -9.06 -5.79
CA GLU B 96 15.69 -9.87 -6.33
C GLU B 96 16.18 -10.94 -5.36
N LEU B 97 15.96 -10.73 -4.07
CA LEU B 97 16.39 -11.72 -3.08
C LEU B 97 15.62 -13.03 -3.24
N ARG B 98 14.40 -12.95 -3.80
CA ARG B 98 13.61 -14.16 -4.01
C ARG B 98 14.23 -14.97 -5.14
N ILE B 99 14.90 -14.30 -6.07
CA ILE B 99 15.55 -15.01 -7.17
C ILE B 99 16.78 -15.71 -6.59
N ARG B 100 17.48 -15.05 -5.67
CA ARG B 100 18.65 -15.67 -5.06
C ARG B 100 18.22 -16.94 -4.32
N ALA B 101 17.08 -16.86 -3.63
CA ALA B 101 16.57 -18.02 -2.89
C ALA B 101 16.30 -19.17 -3.88
N LYS B 102 15.70 -18.83 -5.02
CA LYS B 102 15.39 -19.82 -6.04
C LYS B 102 16.67 -20.50 -6.53
N ARG B 103 17.70 -19.69 -6.78
CA ARG B 103 18.99 -20.18 -7.25
C ARG B 103 19.59 -21.17 -6.25
N ALA B 104 19.35 -20.93 -4.97
CA ALA B 104 19.88 -21.77 -3.92
C ALA B 104 18.98 -22.97 -3.59
N GLY B 105 17.89 -23.11 -4.33
CA GLY B 105 16.98 -24.21 -4.07
C GLY B 105 16.22 -24.05 -2.77
N VAL B 106 16.00 -22.80 -2.39
CA VAL B 106 15.29 -22.49 -1.14
C VAL B 106 13.91 -21.91 -1.45
N GLU B 107 12.87 -22.45 -0.82
CA GLU B 107 11.51 -21.95 -1.01
C GLU B 107 11.39 -20.64 -0.23
N SER B 108 10.69 -19.67 -0.79
CA SER B 108 10.49 -18.41 -0.07
C SER B 108 9.03 -18.01 -0.09
N TYR B 109 8.59 -17.41 1.01
CA TYR B 109 7.21 -16.97 1.15
C TYR B 109 7.21 -15.56 1.70
N VAL B 110 6.22 -14.77 1.31
CA VAL B 110 6.11 -13.40 1.77
C VAL B 110 4.94 -13.21 2.73
N ILE B 111 5.23 -12.63 3.89
CA ILE B 111 4.22 -12.34 4.90
C ILE B 111 4.12 -10.83 4.91
N HIS B 112 3.03 -10.31 4.36
CA HIS B 112 2.83 -8.87 4.24
C HIS B 112 2.51 -8.14 5.54
N ALA B 113 2.68 -6.82 5.49
CA ALA B 113 2.39 -5.94 6.62
C ALA B 113 2.09 -4.57 6.03
N PRO B 114 1.56 -3.66 6.84
CA PRO B 114 1.26 -2.33 6.30
C PRO B 114 2.50 -1.59 5.82
N SER B 115 2.31 -0.84 4.73
CA SER B 115 3.37 -0.04 4.12
C SER B 115 2.93 1.42 4.14
N ILE B 116 3.87 2.34 4.19
CA ILE B 116 3.51 3.75 4.16
C ILE B 116 2.84 4.07 2.82
N TYR B 117 3.18 3.30 1.79
CA TYR B 117 2.61 3.49 0.45
C TYR B 117 1.09 3.38 0.51
N SER B 118 0.57 2.46 1.31
CA SER B 118 -0.88 2.30 1.44
C SER B 118 -1.45 3.05 2.66
N ALA B 119 -0.62 3.25 3.68
CA ALA B 119 -1.08 3.95 4.88
C ALA B 119 -1.41 5.41 4.63
N VAL B 120 -0.94 5.95 3.52
CA VAL B 120 -1.25 7.36 3.24
C VAL B 120 -2.75 7.57 3.03
N GLY B 121 -3.50 6.47 2.98
CA GLY B 121 -4.94 6.61 2.85
C GLY B 121 -5.51 7.36 4.04
N ILE B 122 -4.76 7.39 5.14
CA ILE B 122 -5.24 8.07 6.35
C ILE B 122 -5.23 9.61 6.18
N THR B 123 -4.60 10.07 5.08
CA THR B 123 -4.62 11.52 4.80
C THR B 123 -5.96 11.97 4.25
N GLY B 124 -6.79 10.98 3.91
CA GLY B 124 -8.11 11.31 3.34
C GLY B 124 -8.05 11.42 1.81
N LEU B 125 -6.85 11.33 1.24
CA LEU B 125 -6.69 11.43 -0.20
C LEU B 125 -7.01 10.05 -0.81
N HIS B 126 -7.74 10.05 -1.92
CA HIS B 126 -8.13 8.79 -2.56
C HIS B 126 -6.90 8.07 -3.11
N ILE B 127 -6.76 6.80 -2.75
CA ILE B 127 -5.64 6.01 -3.20
C ILE B 127 -5.49 5.95 -4.71
N TYR B 128 -6.60 5.82 -5.44
CA TYR B 128 -6.49 5.73 -6.89
C TYR B 128 -5.90 6.97 -7.54
N LYS B 129 -5.98 8.10 -6.84
CA LYS B 129 -5.47 9.36 -7.38
C LYS B 129 -3.97 9.56 -7.20
N PHE B 130 -3.30 8.64 -6.51
CA PHE B 130 -1.85 8.77 -6.38
C PHE B 130 -1.21 8.30 -7.67
N GLY B 131 -0.30 9.12 -8.20
CA GLY B 131 0.39 8.76 -9.41
C GLY B 131 1.74 8.13 -9.10
N LYS B 132 2.72 8.45 -9.92
CA LYS B 132 4.08 7.94 -9.74
C LYS B 132 4.60 8.46 -8.39
N SER B 133 5.39 7.65 -7.70
CA SER B 133 5.94 8.07 -6.42
C SER B 133 7.41 8.46 -6.59
N ALA B 134 7.94 9.19 -5.62
CA ALA B 134 9.34 9.62 -5.70
C ALA B 134 9.97 9.74 -4.34
N THR B 135 11.30 9.81 -4.32
CA THR B 135 12.04 9.95 -3.08
C THR B 135 12.84 11.24 -3.11
N VAL B 136 12.78 12.00 -2.02
CA VAL B 136 13.54 13.24 -1.91
C VAL B 136 14.80 12.89 -1.13
N ALA B 137 15.93 12.86 -1.84
CA ALA B 137 17.19 12.52 -1.19
C ALA B 137 17.98 13.76 -0.80
N TYR B 138 18.72 13.65 0.30
CA TYR B 138 19.56 14.74 0.77
C TYR B 138 20.66 14.95 -0.26
N PRO B 139 20.90 16.21 -0.68
CA PRO B 139 21.97 16.40 -1.65
C PRO B 139 23.28 16.11 -0.92
N GLU B 140 24.32 15.75 -1.66
CA GLU B 140 25.61 15.48 -1.05
C GLU B 140 26.72 15.88 -2.01
N GLY B 141 27.49 16.90 -1.62
CA GLY B 141 28.58 17.36 -2.45
C GLY B 141 28.14 17.76 -3.87
N ASN B 142 28.68 17.06 -4.85
CA ASN B 142 28.39 17.33 -6.26
C ASN B 142 27.12 16.65 -6.74
N TRP B 143 26.37 16.05 -5.83
CA TRP B 143 25.13 15.36 -6.20
C TRP B 143 23.91 16.06 -5.63
N PHE B 144 23.12 16.66 -6.49
CA PHE B 144 21.89 17.35 -6.08
C PHE B 144 20.78 16.81 -6.97
N PRO B 145 20.16 15.68 -6.57
CA PRO B 145 19.07 15.08 -7.34
C PRO B 145 17.82 15.95 -7.32
N THR B 146 17.13 16.02 -8.45
CA THR B 146 15.92 16.85 -8.55
C THR B 146 14.78 16.20 -9.31
N SER B 147 14.93 14.94 -9.70
CA SER B 147 13.89 14.27 -10.47
C SER B 147 12.52 14.25 -9.80
N TYR B 148 12.50 14.25 -8.47
CA TYR B 148 11.22 14.22 -7.75
C TYR B 148 10.35 15.43 -8.08
N TYR B 149 10.98 16.53 -8.46
CA TYR B 149 10.26 17.74 -8.82
C TYR B 149 9.47 17.48 -10.11
N ASP B 150 10.10 16.78 -11.05
CA ASP B 150 9.45 16.47 -12.32
C ASP B 150 8.32 15.48 -12.12
N VAL B 151 8.45 14.62 -11.11
CA VAL B 151 7.40 13.64 -10.83
C VAL B 151 6.15 14.38 -10.36
N ILE B 152 6.33 15.37 -9.49
CA ILE B 152 5.21 16.16 -8.98
C ILE B 152 4.56 16.88 -10.16
N LYS B 153 5.39 17.48 -11.00
CA LYS B 153 4.89 18.22 -12.16
C LYS B 153 3.99 17.36 -13.05
N GLU B 154 4.48 16.18 -13.42
CA GLU B 154 3.74 15.28 -14.30
C GLU B 154 2.48 14.72 -13.67
N ASN B 155 2.52 14.43 -12.37
CA ASN B 155 1.33 13.92 -11.68
C ASN B 155 0.28 15.03 -11.56
N ALA B 156 0.69 16.18 -11.03
CA ALA B 156 -0.22 17.30 -10.84
C ALA B 156 -0.90 17.74 -12.13
N GLU B 157 -0.15 17.71 -13.23
CA GLU B 157 -0.66 18.11 -14.53
C GLU B 157 -1.84 17.22 -14.94
N ARG B 158 -1.86 16.01 -14.40
CA ARG B 158 -2.92 15.04 -14.70
C ARG B 158 -3.91 14.88 -13.55
N GLY B 159 -3.87 15.83 -12.61
CA GLY B 159 -4.76 15.81 -11.46
C GLY B 159 -4.49 14.71 -10.46
N LEU B 160 -3.23 14.27 -10.38
CA LEU B 160 -2.86 13.19 -9.47
C LEU B 160 -2.00 13.68 -8.32
N HIS B 161 -2.09 12.96 -7.19
CA HIS B 161 -1.31 13.27 -6.00
C HIS B 161 0.06 12.64 -6.12
N THR B 162 1.04 13.22 -5.43
CA THR B 162 2.40 12.69 -5.44
C THR B 162 2.88 12.35 -4.04
N LEU B 163 3.19 11.09 -3.82
CA LEU B 163 3.73 10.63 -2.54
C LEU B 163 5.25 10.79 -2.61
N LEU B 164 5.81 11.52 -1.64
CA LEU B 164 7.24 11.71 -1.60
C LEU B 164 7.84 11.01 -0.38
N PHE B 165 8.57 9.93 -0.63
CA PHE B 165 9.24 9.23 0.45
C PHE B 165 10.39 10.18 0.79
N LEU B 166 10.68 10.37 2.07
CA LEU B 166 11.76 11.27 2.44
C LEU B 166 12.99 10.46 2.83
N ASP B 167 14.16 11.05 2.62
CA ASP B 167 15.42 10.35 2.89
C ASP B 167 15.58 9.92 4.33
N ILE B 168 16.27 8.80 4.51
CA ILE B 168 16.56 8.27 5.84
C ILE B 168 17.95 7.65 5.82
N LYS B 169 18.83 8.16 6.68
CA LYS B 169 20.17 7.63 6.79
C LYS B 169 20.02 6.64 7.95
N ALA B 170 19.61 5.43 7.60
CA ALA B 170 19.35 4.38 8.56
C ALA B 170 20.42 4.13 9.61
N GLU B 171 21.66 3.95 9.16
CA GLU B 171 22.77 3.68 10.07
C GLU B 171 22.91 4.74 11.16
N LYS B 172 22.72 6.00 10.81
CA LYS B 172 22.85 7.10 11.76
C LYS B 172 21.52 7.52 12.37
N ARG B 173 20.44 6.89 11.93
CA ARG B 173 19.10 7.21 12.42
C ARG B 173 18.75 8.67 12.16
N MET B 174 19.13 9.18 10.99
CA MET B 174 18.82 10.56 10.62
C MET B 174 17.66 10.56 9.65
N TYR B 175 16.55 11.17 10.06
CA TYR B 175 15.35 11.23 9.24
C TYR B 175 15.15 12.61 8.61
N MET B 176 14.90 12.66 7.31
CA MET B 176 14.64 13.93 6.66
C MET B 176 13.25 14.37 7.11
N THR B 177 13.11 15.62 7.52
CA THR B 177 11.83 16.14 7.96
C THR B 177 11.05 16.70 6.77
N ALA B 178 9.74 16.85 6.96
CA ALA B 178 8.91 17.41 5.90
C ALA B 178 9.39 18.83 5.63
N ASN B 179 9.86 19.51 6.68
CA ASN B 179 10.36 20.88 6.54
C ASN B 179 11.56 20.92 5.60
N GLU B 180 12.51 20.01 5.82
CA GLU B 180 13.70 19.95 4.98
C GLU B 180 13.32 19.64 3.53
N ALA B 181 12.33 18.76 3.35
CA ALA B 181 11.89 18.40 2.00
C ALA B 181 11.27 19.62 1.32
N MET B 182 10.48 20.39 2.05
CA MET B 182 9.87 21.59 1.48
C MET B 182 10.92 22.61 1.09
N GLU B 183 11.95 22.75 1.92
CA GLU B 183 13.04 23.69 1.62
C GLU B 183 13.77 23.27 0.35
N LEU B 184 14.02 21.97 0.20
CA LEU B 184 14.71 21.46 -0.99
C LEU B 184 13.86 21.72 -2.23
N LEU B 185 12.55 21.44 -2.13
CA LEU B 185 11.65 21.65 -3.25
C LEU B 185 11.59 23.11 -3.68
N LEU B 186 11.65 24.04 -2.72
CA LEU B 186 11.64 25.45 -3.06
C LEU B 186 12.93 25.82 -3.80
N LYS B 187 14.04 25.18 -3.41
CA LYS B 187 15.31 25.44 -4.08
C LYS B 187 15.27 24.91 -5.50
N VAL B 188 14.66 23.75 -5.70
CA VAL B 188 14.58 23.17 -7.04
C VAL B 188 13.67 24.05 -7.90
N GLU B 189 12.63 24.61 -7.30
CA GLU B 189 11.72 25.49 -8.02
C GLU B 189 12.48 26.71 -8.51
N ASP B 190 13.40 27.21 -7.69
CA ASP B 190 14.20 28.37 -8.06
C ASP B 190 15.08 28.08 -9.26
N MET B 191 15.53 26.83 -9.39
CA MET B 191 16.39 26.44 -10.48
C MET B 191 15.64 26.04 -11.76
N LYS B 192 14.46 25.45 -11.60
CA LYS B 192 13.68 25.02 -12.76
C LYS B 192 12.58 25.99 -13.17
N LYS B 193 12.08 26.75 -12.19
CA LYS B 193 11.03 27.74 -12.41
C LYS B 193 9.83 27.23 -13.20
N GLY B 194 9.39 26.01 -12.88
CA GLY B 194 8.24 25.45 -13.57
C GLY B 194 6.92 25.81 -12.92
N GLY B 195 6.98 26.54 -11.81
CA GLY B 195 5.77 26.92 -11.10
C GLY B 195 5.09 25.71 -10.50
N VAL B 196 5.90 24.72 -10.14
CA VAL B 196 5.43 23.47 -9.57
C VAL B 196 5.33 23.46 -8.05
N PHE B 197 6.29 24.08 -7.38
CA PHE B 197 6.30 24.10 -5.92
C PHE B 197 6.66 25.49 -5.41
N THR B 198 5.69 26.17 -4.82
CA THR B 198 5.91 27.52 -4.31
C THR B 198 5.29 27.70 -2.92
N ASP B 199 5.37 28.91 -2.38
CA ASP B 199 4.79 29.19 -1.07
C ASP B 199 3.29 28.97 -1.07
N ASP B 200 2.68 29.02 -2.25
CA ASP B 200 1.24 28.85 -2.37
C ASP B 200 0.79 27.42 -2.67
N THR B 201 1.73 26.49 -2.71
CA THR B 201 1.40 25.09 -2.98
C THR B 201 0.79 24.44 -1.74
N LEU B 202 -0.27 23.67 -1.95
CA LEU B 202 -0.91 22.95 -0.85
C LEU B 202 -0.16 21.63 -0.69
N VAL B 203 0.24 21.33 0.54
CA VAL B 203 0.93 20.08 0.84
C VAL B 203 0.27 19.37 2.01
N VAL B 204 0.54 18.08 2.12
CA VAL B 204 0.02 17.28 3.22
C VAL B 204 1.21 16.58 3.86
N VAL B 205 1.25 16.57 5.18
CA VAL B 205 2.33 15.92 5.91
C VAL B 205 1.74 14.84 6.81
N LEU B 206 2.35 13.66 6.75
CA LEU B 206 1.91 12.54 7.58
C LEU B 206 3.16 12.09 8.36
N ALA B 207 3.08 12.19 9.68
CA ALA B 207 4.19 11.82 10.54
C ALA B 207 3.79 10.70 11.50
N ARG B 208 4.65 9.69 11.58
CA ARG B 208 4.44 8.55 12.46
C ARG B 208 3.19 7.74 12.14
N ALA B 209 2.99 7.47 10.86
CA ALA B 209 1.88 6.64 10.43
C ALA B 209 2.06 5.32 11.19
N GLY B 210 0.95 4.73 11.65
CA GLY B 210 1.06 3.49 12.40
C GLY B 210 0.77 3.77 13.87
N SER B 211 1.26 4.91 14.34
CA SER B 211 0.95 5.31 15.70
C SER B 211 -0.55 5.56 15.80
N LEU B 212 -1.08 5.45 17.02
CA LEU B 212 -2.50 5.80 17.18
C LEU B 212 -2.70 7.30 17.00
N ASN B 213 -1.61 8.07 17.22
CA ASN B 213 -1.68 9.51 17.16
C ASN B 213 -0.68 10.09 16.15
N PRO B 214 -0.84 9.75 14.87
CA PRO B 214 0.08 10.33 13.90
C PRO B 214 -0.24 11.80 13.71
N THR B 215 0.70 12.57 13.17
CA THR B 215 0.45 13.96 12.88
C THR B 215 0.00 13.98 11.43
N ILE B 216 -1.19 14.51 11.20
CA ILE B 216 -1.73 14.62 9.85
C ILE B 216 -2.03 16.10 9.68
N ARG B 217 -1.27 16.78 8.83
CA ARG B 217 -1.45 18.19 8.61
C ARG B 217 -1.48 18.54 7.15
N ALA B 218 -2.26 19.57 6.82
CA ALA B 218 -2.37 20.02 5.44
C ALA B 218 -2.45 21.54 5.45
N GLY B 219 -1.83 22.16 4.45
CA GLY B 219 -1.84 23.59 4.35
C GLY B 219 -0.85 24.07 3.31
N TYR B 220 -0.71 25.39 3.18
CA TYR B 220 0.20 25.95 2.19
C TYR B 220 1.63 25.99 2.70
N VAL B 221 2.57 25.77 1.78
CA VAL B 221 3.99 25.76 2.11
C VAL B 221 4.41 26.95 2.96
N LYS B 222 3.95 28.16 2.60
CA LYS B 222 4.31 29.36 3.35
C LYS B 222 4.02 29.23 4.84
N ASP B 223 2.96 28.50 5.18
CA ASP B 223 2.56 28.33 6.58
C ASP B 223 3.12 27.09 7.25
N LEU B 224 3.33 26.02 6.48
CA LEU B 224 3.84 24.77 7.03
C LEU B 224 5.34 24.55 7.03
N ILE B 225 6.06 25.31 6.22
CA ILE B 225 7.50 25.11 6.12
C ILE B 225 8.29 25.18 7.42
N ARG B 226 7.79 25.90 8.42
CA ARG B 226 8.50 25.99 9.68
C ARG B 226 7.71 25.37 10.83
N GLU B 227 6.64 24.65 10.51
CA GLU B 227 5.81 24.01 11.52
C GLU B 227 6.45 22.75 12.10
N ASP B 228 6.20 22.49 13.38
CA ASP B 228 6.73 21.31 14.06
C ASP B 228 5.74 20.17 13.86
N PHE B 229 6.14 19.17 13.09
CA PHE B 229 5.28 18.01 12.82
C PHE B 229 5.56 16.85 13.77
N GLY B 230 6.43 17.08 14.74
CA GLY B 230 6.74 16.04 15.71
C GLY B 230 7.84 15.10 15.27
N ASP B 231 8.01 14.03 16.05
CA ASP B 231 9.04 13.04 15.78
C ASP B 231 8.84 12.29 14.47
N PRO B 232 9.93 11.69 13.94
CA PRO B 232 9.94 10.94 12.69
C PRO B 232 9.20 9.60 12.76
N PRO B 233 8.91 9.00 11.61
CA PRO B 233 9.23 9.49 10.26
C PRO B 233 8.17 10.41 9.66
N HIS B 234 8.60 11.23 8.70
CA HIS B 234 7.69 12.14 8.00
C HIS B 234 7.62 11.73 6.54
N ILE B 235 6.44 11.89 5.95
CA ILE B 235 6.40 11.89 4.50
C ILE B 235 5.62 13.11 4.06
N LEU B 236 5.90 13.50 2.82
CA LEU B 236 5.29 14.68 2.27
C LEU B 236 4.51 14.27 1.03
N ILE B 237 3.33 14.87 0.88
CA ILE B 237 2.48 14.61 -0.27
C ILE B 237 2.10 15.94 -0.90
N VAL B 238 2.19 16.01 -2.22
CA VAL B 238 1.78 17.21 -2.94
C VAL B 238 0.55 16.74 -3.69
N PRO B 239 -0.64 17.06 -3.17
CA PRO B 239 -1.84 16.62 -3.86
C PRO B 239 -2.11 17.35 -5.16
N GLY B 240 -2.89 16.70 -6.02
CA GLY B 240 -3.29 17.34 -7.26
C GLY B 240 -4.63 17.95 -6.89
N LYS B 241 -5.44 18.31 -7.89
CA LYS B 241 -6.75 18.89 -7.59
C LYS B 241 -7.53 17.93 -6.70
N LEU B 242 -8.28 18.49 -5.75
CA LEU B 242 -9.02 17.69 -4.78
C LEU B 242 -10.51 17.48 -5.06
N HIS B 243 -10.98 16.31 -4.66
CA HIS B 243 -12.39 15.97 -4.72
C HIS B 243 -12.87 16.69 -3.44
N ILE B 244 -14.09 17.23 -3.44
CA ILE B 244 -14.55 17.92 -2.24
C ILE B 244 -14.44 17.06 -0.98
N VAL B 245 -14.67 15.76 -1.10
CA VAL B 245 -14.57 14.86 0.05
C VAL B 245 -13.13 14.81 0.59
N GLU B 246 -12.16 14.85 -0.31
CA GLU B 246 -10.76 14.86 0.13
C GLU B 246 -10.48 16.15 0.88
N ALA B 247 -10.94 17.27 0.32
CA ALA B 247 -10.72 18.57 0.96
C ALA B 247 -11.39 18.64 2.32
N GLU B 248 -12.61 18.12 2.42
CA GLU B 248 -13.32 18.14 3.69
C GLU B 248 -12.55 17.36 4.75
N TYR B 249 -12.00 16.21 4.37
CA TYR B 249 -11.23 15.43 5.32
C TYR B 249 -10.00 16.21 5.75
N LEU B 250 -9.32 16.85 4.81
CA LEU B 250 -8.14 17.64 5.16
C LEU B 250 -8.48 18.79 6.10
N VAL B 251 -9.62 19.43 5.88
CA VAL B 251 -10.02 20.54 6.74
C VAL B 251 -10.45 20.07 8.13
N GLU B 252 -11.31 19.06 8.18
CA GLU B 252 -11.82 18.58 9.46
C GLU B 252 -10.94 17.64 10.27
N ILE B 253 -10.06 16.90 9.59
CA ILE B 253 -9.18 15.96 10.28
C ILE B 253 -7.74 16.44 10.31
N ALA B 254 -7.28 17.11 9.24
CA ALA B 254 -5.91 17.57 9.17
C ALA B 254 -5.67 19.05 9.43
N GLY B 255 -6.72 19.76 9.82
CA GLY B 255 -6.58 21.18 10.12
C GLY B 255 -6.25 22.10 8.97
N ALA B 256 -6.54 21.68 7.74
CA ALA B 256 -6.27 22.50 6.57
C ALA B 256 -7.11 23.77 6.61
N PRO B 257 -6.61 24.86 6.02
CA PRO B 257 -7.37 26.11 6.02
C PRO B 257 -8.61 25.99 5.13
N ARG B 258 -9.69 26.68 5.51
CA ARG B 258 -10.93 26.64 4.73
C ARG B 258 -10.68 27.05 3.29
N GLU B 259 -9.63 27.84 3.06
CA GLU B 259 -9.30 28.31 1.73
C GLU B 259 -9.09 27.17 0.71
N ILE B 260 -8.65 26.00 1.15
CA ILE B 260 -8.42 24.92 0.19
C ILE B 260 -9.71 24.50 -0.51
N LEU B 261 -10.86 24.74 0.13
CA LEU B 261 -12.14 24.37 -0.45
C LEU B 261 -12.47 25.23 -1.66
N ARG B 262 -11.96 26.46 -1.70
CA ARG B 262 -12.23 27.35 -2.82
C ARG B 262 -11.04 27.56 -3.76
N VAL B 263 -9.89 27.00 -3.40
CA VAL B 263 -8.70 27.15 -4.22
C VAL B 263 -8.18 25.83 -4.81
N ASN B 264 -8.27 24.76 -4.03
CA ASN B 264 -7.73 23.49 -4.47
C ASN B 264 -8.73 22.41 -4.89
N VAL B 265 -10.00 22.77 -4.95
CA VAL B 265 -11.05 21.84 -5.37
C VAL B 265 -11.51 22.23 -6.76
S SO4 C . -31.07 -2.66 -23.49
O1 SO4 C . -32.28 -3.07 -22.75
O2 SO4 C . -29.89 -3.35 -22.95
O3 SO4 C . -31.22 -2.97 -24.92
O4 SO4 C . -30.90 -1.20 -23.34
S SO4 D . -16.95 -21.38 11.34
O1 SO4 D . -17.43 -20.68 12.54
O2 SO4 D . -17.06 -22.84 11.54
O3 SO4 D . -17.75 -20.98 10.17
O4 SO4 D . -15.53 -21.04 11.09
S SO4 E . 11.82 5.52 -14.20
O1 SO4 E . 12.68 5.26 -13.03
O2 SO4 E . 12.52 5.07 -15.42
O3 SO4 E . 10.55 4.78 -14.06
O4 SO4 E . 11.54 6.96 -14.30
S SO4 F . 9.65 -19.07 -22.73
O1 SO4 F . 8.86 -19.12 -21.49
O2 SO4 F . 10.20 -20.41 -23.02
O3 SO4 F . 8.77 -18.64 -23.84
O4 SO4 F . 10.74 -18.10 -22.58
N SAH G . -9.13 -1.89 1.24
CA SAH G . -8.73 -3.09 0.39
CB SAH G . -9.06 -3.01 -1.07
CG SAH G . -10.51 -2.80 -1.47
SD SAH G . -10.65 -3.00 -3.29
C SAH G . -7.17 -3.29 0.59
O SAH G . -6.55 -2.51 1.32
OXT SAH G . -6.65 -4.30 -0.03
C5' SAH G . -11.02 -4.72 -3.37
C4' SAH G . -10.36 -5.38 -4.65
O4' SAH G . -8.92 -5.41 -4.45
C3' SAH G . -10.76 -6.79 -4.91
O3' SAH G . -11.99 -6.85 -5.63
C2' SAH G . -9.52 -7.32 -5.66
O2' SAH G . -9.53 -6.95 -7.04
C1' SAH G . -8.34 -6.71 -4.88
N9 SAH G . -7.92 -7.42 -3.79
C8 SAH G . -8.12 -7.27 -2.42
N7 SAH G . -7.52 -8.17 -1.69
C5 SAH G . -6.85 -9.00 -2.61
C6 SAH G . -6.01 -10.16 -2.42
N6 SAH G . -5.72 -10.68 -1.21
N1 SAH G . -5.53 -10.71 -3.58
C2 SAH G . -5.79 -10.22 -4.81
N3 SAH G . -6.59 -9.13 -5.04
C4 SAH G . -7.08 -8.56 -3.90
O1 MES H . -14.06 -14.16 5.91
C2 MES H . -14.69 -14.69 4.73
C3 MES H . -16.20 -14.89 4.98
N4 MES H . -16.80 -13.58 5.34
C5 MES H . -16.11 -12.99 6.54
C6 MES H . -14.61 -12.86 6.22
C7 MES H . -18.25 -13.75 5.59
C8 MES H . -18.95 -12.41 5.91
S MES H . -20.71 -12.69 6.20
O1S MES H . -20.88 -13.60 7.32
O2S MES H . -21.30 -13.27 5.01
O3S MES H . -21.35 -11.42 6.49
C1 GOL I . -1.54 -21.50 1.01
O1 GOL I . -1.86 -20.80 -0.17
C2 GOL I . -2.53 -21.16 2.13
O2 GOL I . -2.21 -19.89 2.70
C3 GOL I . -3.95 -21.14 1.57
O3 GOL I . -4.91 -21.28 2.61
C1 GOL J . -24.32 7.82 6.82
O1 GOL J . -23.96 8.33 8.09
C2 GOL J . -23.40 8.37 5.73
O2 GOL J . -23.21 9.78 5.90
C3 GOL J . -22.04 7.66 5.78
O3 GOL J . -21.18 8.13 4.77
S SO4 K . -15.93 7.14 -8.01
O1 SO4 K . -15.81 8.47 -8.64
O2 SO4 K . -14.65 6.79 -7.37
O3 SO4 K . -16.26 6.13 -9.04
O4 SO4 K . -17.00 7.18 -7.00
S SO4 L . -11.39 14.99 -8.85
O1 SO4 L . -11.38 14.37 -10.19
O2 SO4 L . -10.30 15.98 -8.75
O3 SO4 L . -11.19 13.94 -7.85
O4 SO4 L . -12.67 15.67 -8.63
S SO4 M . -8.89 28.83 8.44
O1 SO4 M . -9.81 29.01 7.31
O2 SO4 M . -7.53 29.20 8.03
O3 SO4 M . -8.92 27.43 8.88
O4 SO4 M . -9.31 29.70 9.56
O1 MES N . 11.10 2.81 -0.11
C2 MES N . 10.58 3.86 0.75
C3 MES N . 9.57 3.25 1.73
N4 MES N . 10.27 2.24 2.58
C5 MES N . 10.83 1.18 1.70
C6 MES N . 11.81 1.83 0.69
C7 MES N . 9.33 1.61 3.54
C8 MES N . 8.72 2.65 4.50
S MES N . 7.56 1.80 5.63
O1S MES N . 8.27 0.76 6.35
O2S MES N . 6.51 1.22 4.82
O3S MES N . 6.98 2.76 6.55
O1 MES O . -2.67 30.19 -3.19
C2 MES O . -3.07 29.85 -1.84
C3 MES O . -2.70 30.98 -0.87
N4 MES O . -3.41 32.22 -1.30
C5 MES O . -3.02 32.56 -2.69
C6 MES O . -3.36 31.37 -3.62
C7 MES O . -3.09 33.37 -0.41
C8 MES O . -3.48 33.08 1.06
S MES O . -3.05 34.51 2.09
O1S MES O . -3.76 35.68 1.61
O2S MES O . -1.61 34.75 2.00
O3S MES O . -3.42 34.23 3.47
C1 GOL P . 16.04 -0.20 15.67
O1 GOL P . 17.12 -0.59 14.83
C2 GOL P . 14.71 -0.63 15.08
O2 GOL P . 13.62 -0.25 15.95
C3 GOL P . 14.52 0.02 13.71
O3 GOL P . 14.54 1.42 13.80
#